data_6AFF
#
_entry.id   6AFF
#
_cell.length_a   75.080
_cell.length_b   75.080
_cell.length_c   75.520
_cell.angle_alpha   90.00
_cell.angle_beta   90.00
_cell.angle_gamma   120.00
#
_symmetry.space_group_name_H-M   'P 31 2 1'
#
loop_
_entity.id
_entity.type
_entity.pdbx_description
1 polymer 'Protein/nucleic acid deglycase DJ-1'
2 non-polymer 'methyl 2,3-bis(oxidanylidene)-1~{H}-indole-7-carboxylate'
3 non-polymer 'CHLORIDE ION'
4 water water
#
_entity_poly.entity_id   1
_entity_poly.type   'polypeptide(L)'
_entity_poly.pdbx_seq_one_letter_code
;MASKRALVILAKGAEEMETVIPVDVMRRAGIKVTVAGLAGKDPVQCSRDVVICPDASLEDAKKEGPYDVVVLPGGNLGAQ
NLSESAAVKEILKEQENRKGLIAAICAGPTALLAHEIGFGSKVTTHPLAKDKMMNGGHYTYSENRVEKDGLILTSRGPGT
SFEFALAIVEALNGKEVAAQVKAPLVLKD
;
_entity_poly.pdbx_strand_id   A
#
loop_
_chem_comp.id
_chem_comp.type
_chem_comp.name
_chem_comp.formula
72U non-polymer 'methyl 2,3-bis(oxidanylidene)-1~{H}-indole-7-carboxylate' 'C10 H7 N O4'
CL non-polymer 'CHLORIDE ION' 'Cl -1'
#
# COMPACT_ATOMS: atom_id res chain seq x y z
N ALA A 2 -3.17 0.78 22.39
CA ALA A 2 -3.80 1.34 21.15
C ALA A 2 -3.19 0.60 19.96
N SER A 3 -3.99 -0.22 19.31
CA SER A 3 -3.48 -0.92 18.15
C SER A 3 -3.26 0.07 17.04
N LYS A 4 -2.25 -0.20 16.26
CA LYS A 4 -2.03 0.54 15.02
C LYS A 4 -3.14 0.23 14.03
N ARG A 5 -3.37 1.14 13.09
CA ARG A 5 -4.46 1.04 12.13
C ARG A 5 -3.94 1.27 10.71
N ALA A 6 -4.42 0.45 9.77
CA ALA A 6 -4.01 0.49 8.40
C ALA A 6 -5.23 0.69 7.52
N LEU A 7 -5.06 1.56 6.52
CA LEU A 7 -6.06 1.74 5.47
C LEU A 7 -5.55 1.12 4.18
N VAL A 8 -6.22 0.10 3.65
CA VAL A 8 -5.84 -0.53 2.38
C VAL A 8 -6.87 -0.13 1.34
N ILE A 9 -6.47 0.63 0.30
CA ILE A 9 -7.42 1.15 -0.65
C ILE A 9 -7.53 0.18 -1.82
N LEU A 10 -8.73 -0.33 -2.00
CA LEU A 10 -9.03 -1.40 -2.94
C LEU A 10 -9.87 -0.88 -4.12
N ALA A 11 -9.24 -0.84 -5.31
CA ALA A 11 -9.83 -0.40 -6.57
C ALA A 11 -10.02 -1.59 -7.53
N LYS A 12 -11.00 -1.44 -8.43
CA LYS A 12 -11.10 -2.38 -9.56
C LYS A 12 -9.75 -2.56 -10.27
N GLY A 13 -9.38 -3.83 -10.50
CA GLY A 13 -8.10 -4.13 -11.15
C GLY A 13 -6.94 -4.24 -10.23
N ALA A 14 -7.12 -4.11 -8.92
CA ALA A 14 -6.05 -4.36 -7.99
C ALA A 14 -5.53 -5.77 -8.10
N GLU A 15 -4.25 -5.92 -7.83
CA GLU A 15 -3.67 -7.27 -7.79
C GLU A 15 -4.12 -7.91 -6.46
N GLU A 16 -4.90 -8.95 -6.57
CA GLU A 16 -5.54 -9.56 -5.36
C GLU A 16 -4.51 -10.13 -4.39
N MET A 17 -3.39 -10.67 -4.91
CA MET A 17 -2.35 -11.17 -4.01
C MET A 17 -1.73 -10.04 -3.23
N GLU A 18 -1.46 -8.93 -3.91
CA GLU A 18 -0.84 -7.75 -3.29
C GLU A 18 -1.79 -7.03 -2.33
N THR A 19 -3.09 -7.36 -2.43
CA THR A 19 -4.09 -6.81 -1.49
C THR A 19 -4.19 -7.73 -0.27
N VAL A 20 -4.43 -9.01 -0.53
CA VAL A 20 -4.69 -9.98 0.52
C VAL A 20 -3.49 -10.31 1.37
N ILE A 21 -2.31 -10.43 0.79
CA ILE A 21 -1.14 -10.76 1.59
C ILE A 21 -0.91 -9.67 2.66
N PRO A 22 -0.87 -8.37 2.29
CA PRO A 22 -0.66 -7.36 3.34
C PRO A 22 -1.81 -7.28 4.36
N VAL A 23 -3.04 -7.41 3.91
CA VAL A 23 -4.19 -7.39 4.85
C VAL A 23 -4.04 -8.49 5.91
N ASP A 24 -3.79 -9.71 5.41
CA ASP A 24 -3.72 -10.86 6.28
C ASP A 24 -2.54 -10.77 7.25
N VAL A 25 -1.35 -10.49 6.70
CA VAL A 25 -0.17 -10.41 7.54
C VAL A 25 -0.28 -9.26 8.56
N MET A 26 -0.82 -8.11 8.14
CA MET A 26 -1.04 -7.04 9.10
C MET A 26 -2.03 -7.42 10.21
N ARG A 27 -3.09 -8.14 9.87
CA ARG A 27 -4.00 -8.65 10.89
C ARG A 27 -3.36 -9.65 11.83
N ARG A 28 -2.48 -10.51 11.29
CA ARG A 28 -1.68 -11.39 12.13
C ARG A 28 -0.86 -10.64 13.14
N ALA A 29 -0.40 -9.45 12.74
CA ALA A 29 0.36 -8.58 13.61
C ALA A 29 -0.49 -7.75 14.58
N GLY A 30 -1.82 -7.95 14.58
CA GLY A 30 -2.68 -7.25 15.51
C GLY A 30 -2.98 -5.81 15.06
N ILE A 31 -2.63 -5.49 13.83
CA ILE A 31 -3.01 -4.23 13.25
C ILE A 31 -4.50 -4.25 12.88
N LYS A 32 -5.22 -3.16 13.14
CA LYS A 32 -6.61 -3.03 12.74
CA LYS A 32 -6.60 -3.02 12.74
C LYS A 32 -6.65 -2.54 11.31
N VAL A 33 -7.05 -3.41 10.39
CA VAL A 33 -6.96 -3.10 8.98
C VAL A 33 -8.36 -2.85 8.43
N THR A 34 -8.47 -1.74 7.71
CA THR A 34 -9.67 -1.43 7.00
C THR A 34 -9.46 -1.54 5.50
N VAL A 35 -10.15 -2.51 4.88
CA VAL A 35 -10.12 -2.66 3.42
C VAL A 35 -11.22 -1.76 2.85
N ALA A 36 -10.82 -0.69 2.19
CA ALA A 36 -11.76 0.36 1.81
C ALA A 36 -11.92 0.40 0.30
N GLY A 37 -13.15 0.30 -0.17
CA GLY A 37 -13.43 0.24 -1.60
C GLY A 37 -13.40 1.64 -2.19
N LEU A 38 -12.51 1.85 -3.16
CA LEU A 38 -12.43 3.12 -3.83
C LEU A 38 -13.80 3.58 -4.33
N ALA A 39 -14.51 2.68 -4.99
CA ALA A 39 -15.74 3.02 -5.70
C ALA A 39 -16.96 3.11 -4.80
N GLY A 40 -16.86 2.58 -3.58
CA GLY A 40 -18.06 2.42 -2.74
C GLY A 40 -17.95 1.17 -1.90
N LYS A 41 -19.08 0.74 -1.40
CA LYS A 41 -19.11 -0.40 -0.47
C LYS A 41 -19.20 -1.74 -1.24
N ASP A 42 -19.42 -1.72 -2.55
CA ASP A 42 -19.70 -2.96 -3.30
C ASP A 42 -18.46 -3.82 -3.58
N PRO A 43 -18.70 -5.10 -3.89
CA PRO A 43 -17.52 -5.96 -4.07
C PRO A 43 -16.67 -5.47 -5.24
N VAL A 44 -15.39 -5.83 -5.18
CA VAL A 44 -14.37 -5.31 -6.12
C VAL A 44 -13.81 -6.47 -6.94
N GLN A 45 -13.85 -6.33 -8.25
CA GLN A 45 -13.29 -7.34 -9.14
C GLN A 45 -11.80 -7.05 -9.35
N CYS A 46 -10.95 -7.91 -8.80
CA CYS A 46 -9.52 -7.72 -8.91
C CYS A 46 -8.99 -8.18 -10.28
N SER A 47 -7.68 -7.94 -10.47
CA SER A 47 -7.05 -8.13 -11.74
C SER A 47 -7.21 -9.53 -12.33
N ARG A 48 -7.17 -10.56 -11.46
CA ARG A 48 -7.31 -11.97 -11.90
C ARG A 48 -8.68 -12.50 -11.43
N ASP A 49 -9.66 -11.58 -11.42
CA ASP A 49 -11.07 -11.90 -11.22
C ASP A 49 -11.49 -12.42 -9.83
N VAL A 50 -10.59 -12.38 -8.86
CA VAL A 50 -10.99 -12.64 -7.48
C VAL A 50 -11.84 -11.41 -7.06
N VAL A 51 -12.98 -11.70 -6.43
CA VAL A 51 -13.87 -10.63 -6.01
C VAL A 51 -13.84 -10.54 -4.48
N ILE A 52 -13.46 -9.35 -4.00
CA ILE A 52 -13.25 -9.11 -2.60
C ILE A 52 -14.31 -8.08 -2.15
N CYS A 53 -15.00 -8.38 -1.06
CA CYS A 53 -15.94 -7.43 -0.45
C CYS A 53 -15.19 -6.53 0.54
N PRO A 54 -15.13 -5.21 0.30
CA PRO A 54 -14.45 -4.30 1.21
C PRO A 54 -15.19 -4.18 2.54
N ASP A 55 -14.43 -3.80 3.56
CA ASP A 55 -14.96 -3.59 4.90
C ASP A 55 -15.83 -2.34 4.93
N ALA A 56 -15.55 -1.40 4.04
CA ALA A 56 -16.21 -0.09 4.04
C ALA A 56 -15.91 0.61 2.70
N SER A 57 -16.75 1.58 2.34
CA SER A 57 -16.33 2.49 1.27
C SER A 57 -15.14 3.34 1.74
N LEU A 58 -14.37 3.82 0.78
CA LEU A 58 -13.32 4.78 1.11
C LEU A 58 -13.89 6.05 1.72
N GLU A 59 -15.02 6.51 1.19
CA GLU A 59 -15.72 7.70 1.68
C GLU A 59 -15.92 7.58 3.18
N ASP A 60 -16.41 6.42 3.64
CA ASP A 60 -16.69 6.20 5.03
C ASP A 60 -15.41 5.98 5.81
N ALA A 61 -14.50 5.18 5.27
CA ALA A 61 -13.25 4.92 5.96
C ALA A 61 -12.43 6.18 6.22
N LYS A 62 -12.42 7.12 5.27
CA LYS A 62 -11.75 8.46 5.38
CA LYS A 62 -11.61 8.31 5.47
C LYS A 62 -12.14 9.19 6.64
N LYS A 63 -13.41 9.02 7.03
CA LYS A 63 -13.95 9.74 8.19
C LYS A 63 -13.44 9.17 9.50
N GLU A 64 -12.96 7.91 9.49
CA GLU A 64 -12.36 7.29 10.66
C GLU A 64 -10.83 7.44 10.71
N GLY A 65 -10.28 8.20 9.78
CA GLY A 65 -8.86 8.51 9.79
C GLY A 65 -8.43 9.34 11.01
N PRO A 66 -7.13 9.62 11.11
CA PRO A 66 -6.14 9.09 10.17
C PRO A 66 -5.60 7.72 10.63
N TYR A 67 -4.76 7.14 9.77
CA TYR A 67 -4.26 5.81 9.92
C TYR A 67 -2.74 5.85 10.08
N ASP A 68 -2.20 4.83 10.76
CA ASP A 68 -0.75 4.67 10.88
C ASP A 68 -0.08 4.33 9.57
N VAL A 69 -0.79 3.67 8.64
CA VAL A 69 -0.28 3.41 7.31
C VAL A 69 -1.41 3.48 6.31
N VAL A 70 -1.12 4.05 5.13
CA VAL A 70 -2.01 3.93 4.01
C VAL A 70 -1.31 3.02 3.01
N VAL A 71 -2.02 1.99 2.57
CA VAL A 71 -1.45 0.95 1.69
C VAL A 71 -2.11 0.97 0.32
N LEU A 72 -1.28 1.08 -0.70
CA LEU A 72 -1.70 1.07 -2.10
C LEU A 72 -1.21 -0.26 -2.74
N PRO A 73 -2.10 -1.23 -2.91
CA PRO A 73 -1.77 -2.41 -3.73
C PRO A 73 -1.44 -1.99 -5.16
N GLY A 74 -0.84 -2.91 -5.90
CA GLY A 74 -0.65 -2.75 -7.33
C GLY A 74 -1.72 -3.41 -8.15
N GLY A 75 -1.32 -3.94 -9.30
CA GLY A 75 -2.24 -4.24 -10.38
C GLY A 75 -2.27 -2.98 -11.23
N ASN A 76 -1.95 -3.09 -12.52
CA ASN A 76 -1.84 -1.88 -13.33
C ASN A 76 -3.13 -1.08 -13.37
N LEU A 77 -4.25 -1.76 -13.55
CA LEU A 77 -5.51 -1.04 -13.71
C LEU A 77 -5.95 -0.52 -12.33
N GLY A 78 -5.67 -1.26 -11.27
CA GLY A 78 -5.93 -0.73 -9.92
C GLY A 78 -5.16 0.51 -9.62
N ALA A 79 -3.88 0.50 -9.97
CA ALA A 79 -3.04 1.66 -9.73
C ALA A 79 -3.48 2.84 -10.53
N GLN A 80 -3.92 2.58 -11.76
CA GLN A 80 -4.45 3.67 -12.60
C GLN A 80 -5.70 4.28 -11.95
N ASN A 81 -6.56 3.42 -11.44
CA ASN A 81 -7.74 3.93 -10.73
C ASN A 81 -7.35 4.76 -9.49
N LEU A 82 -6.38 4.28 -8.72
CA LEU A 82 -5.88 5.05 -7.55
C LEU A 82 -5.29 6.40 -7.98
N SER A 83 -4.55 6.36 -9.09
CA SER A 83 -3.93 7.56 -9.67
C SER A 83 -4.91 8.62 -10.10
N GLU A 84 -6.10 8.22 -10.51
CA GLU A 84 -7.11 9.12 -11.04
C GLU A 84 -8.03 9.68 -9.98
N SER A 85 -7.89 9.19 -8.75
CA SER A 85 -8.84 9.50 -7.68
C SER A 85 -8.46 10.73 -6.84
N ALA A 86 -9.34 11.74 -6.84
CA ALA A 86 -9.17 12.92 -6.00
C ALA A 86 -9.21 12.58 -4.52
N ALA A 87 -10.05 11.60 -4.15
CA ALA A 87 -10.10 11.10 -2.78
C ALA A 87 -8.78 10.56 -2.36
N VAL A 88 -8.16 9.73 -3.22
CA VAL A 88 -6.84 9.18 -2.86
C VAL A 88 -5.81 10.29 -2.69
N LYS A 89 -5.84 11.28 -3.59
CA LYS A 89 -4.91 12.40 -3.52
C LYS A 89 -4.97 13.06 -2.13
N GLU A 90 -6.20 13.29 -1.64
CA GLU A 90 -6.42 14.04 -0.42
C GLU A 90 -5.92 13.18 0.77
N ILE A 91 -6.21 11.91 0.72
CA ILE A 91 -5.78 10.96 1.76
C ILE A 91 -4.24 10.87 1.85
N LEU A 92 -3.59 10.78 0.70
CA LEU A 92 -2.11 10.68 0.70
C LEU A 92 -1.47 11.99 1.12
N LYS A 93 -2.05 13.10 0.68
CA LYS A 93 -1.49 14.42 1.06
C LYS A 93 -1.57 14.61 2.57
N GLU A 94 -2.72 14.25 3.15
CA GLU A 94 -2.91 14.37 4.58
C GLU A 94 -1.92 13.46 5.32
N GLN A 95 -1.75 12.25 4.80
CA GLN A 95 -0.85 11.27 5.43
C GLN A 95 0.60 11.81 5.36
N GLU A 96 0.96 12.37 4.22
CA GLU A 96 2.29 12.92 4.08
C GLU A 96 2.49 14.10 5.05
N ASN A 97 1.49 14.98 5.12
CA ASN A 97 1.60 16.16 5.96
CA ASN A 97 1.57 16.16 5.95
C ASN A 97 1.76 15.83 7.42
N ARG A 98 1.09 14.76 7.86
CA ARG A 98 1.22 14.29 9.24
C ARG A 98 2.40 13.35 9.50
N LYS A 99 3.22 13.15 8.48
CA LYS A 99 4.45 12.37 8.56
C LYS A 99 4.08 10.88 8.85
N GLY A 100 2.95 10.43 8.31
CA GLY A 100 2.59 9.03 8.45
C GLY A 100 3.11 8.14 7.34
N LEU A 101 3.19 6.85 7.63
CA LEU A 101 3.70 5.87 6.65
C LEU A 101 2.78 5.75 5.46
N ILE A 102 3.40 5.68 4.28
CA ILE A 102 2.71 5.42 3.04
C ILE A 102 3.38 4.24 2.36
N ALA A 103 2.62 3.22 2.03
CA ALA A 103 3.19 1.98 1.50
C ALA A 103 2.56 1.62 0.19
N ALA A 104 3.37 1.24 -0.80
CA ALA A 104 2.84 0.93 -2.11
C ALA A 104 3.65 -0.14 -2.83
N ILE A 105 3.00 -1.02 -3.58
CA ILE A 105 3.67 -2.18 -4.19
C ILE A 105 3.37 -2.35 -5.67
N CYS A 106 4.41 -2.76 -6.41
CA CYS A 106 4.30 -3.21 -7.83
C CYS A 106 4.12 -1.94 -8.69
N ALA A 107 2.95 -1.72 -9.28
CA ALA A 107 2.66 -0.42 -9.93
C ALA A 107 1.98 0.59 -8.98
N GLY A 108 1.60 0.16 -7.78
CA GLY A 108 1.06 1.06 -6.78
C GLY A 108 1.82 2.36 -6.57
N PRO A 109 3.17 2.32 -6.60
CA PRO A 109 3.90 3.57 -6.35
C PRO A 109 3.65 4.61 -7.40
N THR A 110 3.23 4.21 -8.61
CA THR A 110 2.95 5.21 -9.66
C THR A 110 1.81 6.16 -9.26
N ALA A 111 0.90 5.69 -8.38
CA ALA A 111 -0.10 6.62 -7.81
C ALA A 111 0.54 7.72 -6.94
N LEU A 112 1.68 7.45 -6.30
CA LEU A 112 2.41 8.47 -5.59
C LEU A 112 2.90 9.54 -6.54
N LEU A 113 3.41 9.11 -7.70
CA LEU A 113 3.83 10.07 -8.70
C LEU A 113 2.65 10.94 -9.15
N ALA A 114 1.52 10.27 -9.47
CA ALA A 114 0.34 10.97 -9.98
C ALA A 114 -0.13 12.04 -9.01
N HIS A 115 -0.02 11.74 -7.71
CA HIS A 115 -0.48 12.64 -6.68
C HIS A 115 0.60 13.51 -6.06
N GLU A 116 1.81 13.47 -6.65
CA GLU A 116 2.92 14.32 -6.23
CA GLU A 116 2.94 14.31 -6.23
C GLU A 116 3.30 14.09 -4.78
N ILE A 117 3.38 12.80 -4.39
CA ILE A 117 3.68 12.36 -3.03
C ILE A 117 5.10 11.86 -2.90
N GLY A 118 5.81 12.41 -1.92
CA GLY A 118 7.10 11.82 -1.52
C GLY A 118 8.23 12.11 -2.50
N PHE A 119 8.13 13.18 -3.28
CA PHE A 119 9.21 13.45 -4.23
C PHE A 119 10.55 13.50 -3.53
N GLY A 120 11.58 12.96 -4.21
CA GLY A 120 12.91 12.89 -3.69
C GLY A 120 13.22 11.60 -2.95
N SER A 121 12.22 10.80 -2.65
CA SER A 121 12.43 9.54 -1.96
C SER A 121 13.01 8.51 -2.92
N LYS A 122 13.79 7.61 -2.35
CA LYS A 122 14.18 6.38 -3.00
C LYS A 122 12.99 5.43 -2.99
N VAL A 123 12.74 4.83 -4.16
CA VAL A 123 11.61 3.96 -4.34
C VAL A 123 11.95 2.79 -5.24
N THR A 124 11.22 1.69 -5.09
CA THR A 124 11.17 0.64 -6.08
C THR A 124 9.78 0.45 -6.59
N THR A 125 9.69 -0.33 -7.67
CA THR A 125 8.44 -0.66 -8.33
C THR A 125 8.64 -2.01 -8.97
N HIS A 126 7.59 -2.52 -9.57
CA HIS A 126 7.81 -3.61 -10.51
C HIS A 126 8.77 -3.16 -11.59
N PRO A 127 9.66 -4.06 -12.07
CA PRO A 127 10.54 -3.65 -13.17
C PRO A 127 9.84 -3.00 -14.37
N LEU A 128 8.64 -3.49 -14.72
CA LEU A 128 7.92 -2.98 -15.88
C LEU A 128 7.21 -1.66 -15.60
N ALA A 129 7.20 -1.20 -14.35
CA ALA A 129 6.61 0.05 -13.97
C ALA A 129 7.69 1.14 -13.69
N LYS A 130 8.97 0.79 -13.87
CA LYS A 130 10.05 1.71 -13.58
CA LYS A 130 10.06 1.71 -13.58
C LYS A 130 9.98 2.99 -14.41
N ASP A 131 9.84 2.87 -15.72
CA ASP A 131 9.88 4.04 -16.58
C ASP A 131 8.73 5.01 -16.24
N LYS A 132 7.56 4.47 -15.95
CA LYS A 132 6.42 5.32 -15.57
C LYS A 132 6.74 6.06 -14.26
N MET A 133 7.21 5.32 -13.28
CA MET A 133 7.54 5.92 -11.98
C MET A 133 8.60 7.02 -12.10
N MET A 134 9.57 6.79 -12.99
CA MET A 134 10.73 7.65 -13.13
C MET A 134 10.55 8.83 -14.08
N ASN A 135 9.34 9.01 -14.63
CA ASN A 135 9.07 10.08 -15.59
C ASN A 135 9.23 11.41 -14.86
N GLY A 136 10.25 12.18 -15.23
CA GLY A 136 10.56 13.44 -14.59
C GLY A 136 11.72 13.38 -13.61
N GLY A 137 12.12 12.18 -13.26
CA GLY A 137 13.21 12.00 -12.31
C GLY A 137 12.91 12.47 -10.90
N HIS A 138 11.65 12.34 -10.50
CA HIS A 138 11.23 12.88 -9.19
C HIS A 138 11.53 12.00 -8.01
N TYR A 139 11.97 10.79 -8.26
CA TYR A 139 12.35 9.80 -7.27
C TYR A 139 13.68 9.24 -7.68
N THR A 140 14.37 8.56 -6.75
CA THR A 140 15.57 7.83 -7.05
C THR A 140 15.22 6.34 -7.06
N TYR A 141 15.60 5.65 -8.13
CA TYR A 141 15.14 4.25 -8.29
C TYR A 141 16.04 3.27 -7.57
N SER A 142 15.42 2.25 -7.02
CA SER A 142 16.06 1.20 -6.28
C SER A 142 15.61 -0.16 -6.83
N GLU A 143 16.50 -1.15 -6.81
CA GLU A 143 16.15 -2.55 -7.18
C GLU A 143 16.01 -3.44 -5.94
N ASN A 144 16.05 -2.85 -4.76
CA ASN A 144 15.76 -3.61 -3.58
C ASN A 144 14.34 -4.16 -3.58
N ARG A 145 14.16 -5.38 -3.02
CA ARG A 145 12.85 -6.01 -3.05
C ARG A 145 11.82 -5.22 -2.24
N VAL A 146 12.29 -4.62 -1.14
CA VAL A 146 11.54 -3.63 -0.37
C VAL A 146 12.48 -2.44 -0.17
N GLU A 147 11.96 -1.23 -0.35
CA GLU A 147 12.68 0.01 -0.13
C GLU A 147 11.91 0.91 0.84
N LYS A 148 12.62 1.67 1.65
CA LYS A 148 12.01 2.58 2.64
C LYS A 148 12.85 3.81 2.72
N ASP A 149 12.29 4.96 2.39
CA ASP A 149 12.98 6.23 2.47
C ASP A 149 11.95 7.31 2.90
N GLY A 150 12.32 8.16 3.85
CA GLY A 150 11.39 9.18 4.39
C GLY A 150 10.13 8.47 4.86
N LEU A 151 9.02 8.86 4.25
CA LEU A 151 7.71 8.34 4.66
C LEU A 151 7.30 7.13 3.84
N ILE A 152 8.10 6.76 2.84
CA ILE A 152 7.64 6.00 1.71
C ILE A 152 8.24 4.60 1.67
N LEU A 153 7.37 3.59 1.74
CA LEU A 153 7.79 2.20 1.75
C LEU A 153 7.23 1.55 0.51
N THR A 154 8.14 1.05 -0.34
CA THR A 154 7.74 0.48 -1.61
C THR A 154 8.28 -0.94 -1.81
N SER A 155 7.67 -1.63 -2.76
CA SER A 155 8.07 -3.00 -3.05
C SER A 155 7.67 -3.36 -4.46
N ARG A 156 8.15 -4.50 -4.96
CA ARG A 156 8.22 -4.75 -6.39
C ARG A 156 7.09 -5.55 -7.04
N GLY A 157 6.53 -6.56 -6.37
CA GLY A 157 5.62 -7.47 -7.06
C GLY A 157 4.89 -8.43 -6.18
N PRO A 158 4.05 -9.32 -6.79
CA PRO A 158 3.35 -10.32 -5.94
C PRO A 158 4.31 -11.13 -5.07
N GLY A 159 5.46 -11.46 -5.66
CA GLY A 159 6.50 -12.27 -5.01
C GLY A 159 7.29 -11.57 -3.94
N THR A 160 7.11 -10.26 -3.79
CA THR A 160 7.72 -9.52 -2.68
C THR A 160 6.65 -9.08 -1.65
N SER A 161 5.39 -9.57 -1.80
CA SER A 161 4.29 -9.09 -0.98
C SER A 161 4.46 -9.46 0.49
N PHE A 162 5.04 -10.63 0.77
CA PHE A 162 5.24 -10.99 2.20
C PHE A 162 6.29 -10.06 2.83
N GLU A 163 7.39 -9.84 2.10
CA GLU A 163 8.47 -8.96 2.56
C GLU A 163 7.92 -7.55 2.78
N PHE A 164 7.09 -7.06 1.83
CA PHE A 164 6.45 -5.73 1.94
C PHE A 164 5.58 -5.66 3.19
N ALA A 165 4.74 -6.68 3.35
CA ALA A 165 3.84 -6.72 4.51
C ALA A 165 4.61 -6.72 5.84
N LEU A 166 5.64 -7.56 5.93
CA LEU A 166 6.43 -7.67 7.12
C LEU A 166 7.23 -6.43 7.41
N ALA A 167 7.63 -5.72 6.34
CA ALA A 167 8.25 -4.43 6.55
C ALA A 167 7.30 -3.38 7.16
N ILE A 168 6.04 -3.43 6.73
CA ILE A 168 5.02 -2.54 7.27
C ILE A 168 4.83 -2.90 8.79
N VAL A 169 4.73 -4.19 9.07
CA VAL A 169 4.62 -4.66 10.45
C VAL A 169 5.79 -4.20 11.29
N GLU A 170 7.03 -4.33 10.76
CA GLU A 170 8.20 -3.90 11.48
C GLU A 170 8.16 -2.38 11.74
N ALA A 171 7.75 -1.62 10.75
CA ALA A 171 7.67 -0.16 10.90
C ALA A 171 6.69 0.24 11.98
N LEU A 172 5.55 -0.45 12.07
CA LEU A 172 4.50 -0.05 12.98
C LEU A 172 4.62 -0.67 14.39
N ASN A 173 4.91 -1.98 14.43
CA ASN A 173 4.91 -2.79 15.63
C ASN A 173 6.29 -3.29 16.09
N GLY A 174 7.32 -3.02 15.31
CA GLY A 174 8.68 -3.42 15.70
C GLY A 174 9.15 -4.74 15.12
N LYS A 175 10.46 -4.92 15.21
CA LYS A 175 11.16 -6.09 14.65
C LYS A 175 10.75 -7.40 15.33
N GLU A 176 10.53 -7.39 16.63
CA GLU A 176 10.21 -8.62 17.35
C GLU A 176 8.83 -9.13 16.93
N VAL A 177 7.83 -8.24 16.81
CA VAL A 177 6.52 -8.67 16.32
C VAL A 177 6.61 -9.20 14.89
N ALA A 178 7.31 -8.48 14.01
CA ALA A 178 7.46 -8.98 12.62
C ALA A 178 8.04 -10.41 12.60
N ALA A 179 9.05 -10.64 13.43
CA ALA A 179 9.69 -11.97 13.49
C ALA A 179 8.73 -13.04 13.98
N GLN A 180 7.91 -12.69 14.97
CA GLN A 180 6.90 -13.60 15.54
CA GLN A 180 6.94 -13.65 15.49
C GLN A 180 5.84 -13.96 14.48
N VAL A 181 5.38 -12.95 13.75
CA VAL A 181 4.38 -13.13 12.73
C VAL A 181 4.94 -13.99 11.58
N LYS A 182 6.21 -13.72 11.28
CA LYS A 182 6.83 -14.40 10.12
C LYS A 182 6.99 -15.90 10.31
N ALA A 183 7.38 -16.36 11.50
CA ALA A 183 7.79 -17.74 11.73
C ALA A 183 6.70 -18.76 11.26
N PRO A 184 5.43 -18.56 11.65
CA PRO A 184 4.44 -19.58 11.26
C PRO A 184 4.08 -19.58 9.78
N LEU A 185 4.52 -18.60 9.02
CA LEU A 185 4.16 -18.50 7.59
C LEU A 185 4.91 -19.51 6.72
N VAL A 186 6.02 -20.07 7.19
CA VAL A 186 6.85 -21.00 6.41
C VAL A 186 7.38 -20.30 5.16
N LEU A 187 7.90 -19.12 5.38
CA LEU A 187 8.62 -18.39 4.33
C LEU A 187 10.03 -18.99 4.15
N LYS A 188 10.66 -18.70 3.03
CA LYS A 188 11.99 -19.33 2.78
C LYS A 188 12.96 -18.43 3.51
C14 72U B . 3.55 -2.20 -15.37
O13 72U B . 3.46 -3.28 -14.39
C10 72U B . 3.31 -4.53 -14.91
O15 72U B . 3.33 -4.73 -16.13
C5 72U B . 3.28 -5.52 -13.94
C4 72U B . 3.73 -6.80 -14.16
C3 72U B . 3.67 -7.76 -13.18
C2 72U B . 3.15 -7.45 -11.91
C1 72U B . 2.65 -6.20 -11.75
C6 72U B . 2.71 -5.28 -12.73
N7 72U B . 2.17 -4.14 -12.34
C8 72U B . 1.66 -4.30 -11.11
O11 72U B . 1.06 -3.47 -10.47
C9 72U B . 2.08 -5.59 -10.61
O12 72U B . 1.15 -6.35 -9.78
C14 72U C . 5.72 3.91 13.58
O13 72U C . 6.61 4.42 12.51
C10 72U C . 6.05 5.42 11.74
O15 72U C . 4.98 5.96 12.02
C5 72U C . 6.71 5.71 10.48
C4 72U C . 6.24 6.81 9.74
C3 72U C . 6.84 7.11 8.51
C2 72U C . 7.89 6.26 8.08
C1 72U C . 8.31 5.18 8.81
C6 72U C . 7.72 4.92 10.01
N7 72U C . 8.32 3.88 10.55
C8 72U C . 9.31 3.44 9.79
O11 72U C . 10.04 2.48 10.08
C9 72U C . 9.36 4.19 8.58
CL CL D . -1.82 -6.13 -13.36
#